data_4KPM
#
_entry.id   4KPM
#
_cell.length_a   42.450
_cell.length_b   51.508
_cell.length_c   66.707
_cell.angle_alpha   90.00
_cell.angle_beta   104.39
_cell.angle_gamma   90.00
#
_symmetry.space_group_name_H-M   'P 1 21 1'
#
loop_
_entity.id
_entity.type
_entity.pdbx_description
1 polymer 'Resuscitation-promoting factor RpfB'
2 branched 2-acetamido-2-deoxy-beta-D-glucopyranose-(1-4)-2-acetamido-2-deoxy-beta-D-glucopyranose-(1-4)-2-acetamido-2-deoxy-beta-D-glucopyranose
3 non-polymer 'SULFATE ION'
4 non-polymer BENZAMIDINE
5 water water
#
_entity_poly.entity_id   1
_entity_poly.type   'polypeptide(L)'
_entity_poly.pdbx_seq_one_letter_code
;SIWDAIAGCEAGGNWAINTGNGYYGGVQFDQGTWEANGGLRYAPRADLATREEQIAVAEVTRLRQGWGAWPVCAARAGAR
;
_entity_poly.pdbx_strand_id   A,B,C,D
#
loop_
_chem_comp.id
_chem_comp.type
_chem_comp.name
_chem_comp.formula
BEN non-polymer BENZAMIDINE 'C7 H8 N2'
NAG D-saccharide, beta linking 2-acetamido-2-deoxy-beta-D-glucopyranose 'C8 H15 N O6'
SO4 non-polymer 'SULFATE ION' 'O4 S -2'
#
# COMPACT_ATOMS: atom_id res chain seq x y z
N SER A 1 -0.31 9.53 -19.57
CA SER A 1 0.82 9.37 -18.63
C SER A 1 0.74 8.05 -17.88
N ILE A 2 0.36 6.97 -18.56
CA ILE A 2 0.40 5.63 -18.02
C ILE A 2 1.82 5.30 -17.50
N TRP A 3 2.84 5.83 -18.17
CA TRP A 3 4.22 5.60 -17.77
C TRP A 3 4.58 6.19 -16.39
N ASP A 4 3.95 7.29 -16.03
CA ASP A 4 4.21 7.86 -14.69
C ASP A 4 3.68 6.92 -13.61
N ALA A 5 2.56 6.28 -13.87
CA ALA A 5 2.04 5.29 -12.91
C ALA A 5 2.95 4.07 -12.87
N ILE A 6 3.40 3.59 -14.01
CA ILE A 6 4.33 2.47 -14.04
C ILE A 6 5.63 2.84 -13.28
N ALA A 7 6.12 4.06 -13.48
CA ALA A 7 7.34 4.50 -12.81
C ALA A 7 7.16 4.70 -11.30
N GLY A 8 5.94 5.06 -10.89
CA GLY A 8 5.68 5.09 -9.44
C GLY A 8 5.85 3.72 -8.79
N CYS A 9 5.32 2.75 -9.49
CA CYS A 9 5.32 1.31 -9.13
C CYS A 9 6.71 0.70 -9.22
N GLU A 10 7.43 1.02 -10.30
CA GLU A 10 8.73 0.36 -10.50
C GLU A 10 9.84 1.01 -9.71
N ALA A 11 9.76 2.32 -9.55
CA ALA A 11 10.90 3.09 -9.10
C ALA A 11 10.52 4.20 -8.13
N GLY A 12 9.28 4.19 -7.63
CA GLY A 12 8.82 5.28 -6.77
C GLY A 12 8.89 6.63 -7.47
N GLY A 13 8.85 6.64 -8.79
CA GLY A 13 8.84 7.91 -9.52
C GLY A 13 10.25 8.50 -9.74
N ASN A 14 11.31 7.79 -9.35
CA ASN A 14 12.69 8.26 -9.56
C ASN A 14 13.23 7.72 -10.89
N TRP A 15 13.18 8.57 -11.92
CA TRP A 15 13.60 8.14 -13.25
C TRP A 15 15.11 7.92 -13.40
N ALA A 16 15.89 8.41 -12.45
CA ALA A 16 17.34 8.29 -12.45
C ALA A 16 17.80 7.19 -11.48
N ILE A 17 16.88 6.37 -10.98
CA ILE A 17 17.31 5.36 -9.97
C ILE A 17 18.26 4.30 -10.58
N ASN A 18 19.26 3.87 -9.77
CA ASN A 18 20.29 2.93 -10.23
C ASN A 18 20.80 2.28 -8.97
N THR A 19 20.14 1.22 -8.52
CA THR A 19 20.42 0.71 -7.17
C THR A 19 21.36 -0.47 -7.24
N GLY A 20 21.58 -1.01 -8.43
CA GLY A 20 22.51 -2.11 -8.66
C GLY A 20 21.80 -3.47 -8.66
N ASN A 21 20.48 -3.46 -8.83
CA ASN A 21 19.64 -4.66 -8.80
C ASN A 21 19.48 -5.31 -10.16
N GLY A 22 20.20 -4.85 -11.19
CA GLY A 22 20.05 -5.40 -12.52
C GLY A 22 19.18 -4.57 -13.42
N TYR A 23 18.58 -3.53 -12.84
CA TYR A 23 17.60 -2.71 -13.52
C TYR A 23 17.85 -1.24 -13.32
N TYR A 24 17.37 -0.46 -14.26
CA TYR A 24 17.78 0.93 -14.31
C TYR A 24 16.62 1.84 -14.64
N GLY A 25 16.57 2.98 -13.94
CA GLY A 25 15.69 4.11 -14.27
C GLY A 25 14.25 3.90 -13.87
N GLY A 26 13.40 4.80 -14.37
CA GLY A 26 12.04 4.91 -13.88
C GLY A 26 11.16 3.72 -14.13
N VAL A 27 11.40 3.00 -15.24
CA VAL A 27 10.58 1.83 -15.48
C VAL A 27 11.44 0.54 -15.38
N GLN A 28 12.60 0.63 -14.76
CA GLN A 28 13.39 -0.56 -14.44
C GLN A 28 13.72 -1.44 -15.61
N PHE A 29 14.30 -0.83 -16.63
CA PHE A 29 14.86 -1.62 -17.73
C PHE A 29 16.08 -2.42 -17.31
N ASP A 30 16.17 -3.70 -17.69
CA ASP A 30 17.49 -4.33 -17.71
C ASP A 30 18.32 -3.77 -18.89
N GLN A 31 19.64 -3.92 -18.81
CA GLN A 31 20.48 -3.39 -19.87
C GLN A 31 20.24 -3.98 -21.26
N GLY A 32 20.00 -5.29 -21.32
CA GLY A 32 19.71 -5.94 -22.61
C GLY A 32 18.49 -5.30 -23.28
N THR A 33 17.47 -5.01 -22.49
CA THR A 33 16.21 -4.54 -23.04
C THR A 33 16.38 -3.04 -23.41
N TRP A 34 17.09 -2.23 -22.61
CA TRP A 34 17.38 -0.85 -22.99
C TRP A 34 18.08 -0.84 -24.36
N GLU A 35 19.08 -1.70 -24.57
CA GLU A 35 19.85 -1.60 -25.81
C GLU A 35 19.05 -2.17 -26.97
N ALA A 36 18.34 -3.30 -26.76
CA ALA A 36 17.60 -3.93 -27.86
C ALA A 36 16.49 -3.05 -28.40
N ASN A 37 16.01 -2.11 -27.58
CA ASN A 37 14.90 -1.23 -27.99
C ASN A 37 15.35 0.15 -28.40
N GLY A 38 16.66 0.28 -28.64
CA GLY A 38 17.22 1.52 -29.20
C GLY A 38 17.75 2.50 -28.18
N GLY A 39 17.85 2.11 -26.91
CA GLY A 39 18.21 3.10 -25.87
C GLY A 39 19.57 3.77 -25.99
N LEU A 40 20.57 3.09 -26.56
CA LEU A 40 21.90 3.67 -26.62
C LEU A 40 21.93 4.99 -27.45
N ARG A 41 20.96 5.20 -28.31
CA ARG A 41 20.83 6.48 -29.03
C ARG A 41 20.63 7.67 -28.08
N TYR A 42 20.04 7.37 -26.93
CA TYR A 42 19.72 8.38 -25.95
C TYR A 42 20.76 8.50 -24.86
N ALA A 43 21.21 7.35 -24.31
CA ALA A 43 22.08 7.39 -23.15
C ALA A 43 22.64 5.99 -22.90
N PRO A 44 23.74 5.89 -22.15
CA PRO A 44 24.37 4.60 -21.96
C PRO A 44 23.53 3.60 -21.21
N ARG A 45 22.64 4.05 -20.33
CA ARG A 45 21.75 3.21 -19.57
C ARG A 45 20.46 3.99 -19.41
N ALA A 46 19.39 3.28 -19.07
CA ALA A 46 18.09 3.94 -18.93
C ALA A 46 18.10 5.05 -17.88
N ASP A 47 18.80 4.86 -16.77
CA ASP A 47 18.76 5.85 -15.71
C ASP A 47 19.49 7.11 -16.10
N LEU A 48 20.32 7.08 -17.14
CA LEU A 48 21.04 8.29 -17.62
C LEU A 48 20.29 9.08 -18.70
N ALA A 49 19.15 8.55 -19.14
CA ALA A 49 18.28 9.17 -20.10
C ALA A 49 17.21 9.96 -19.41
N THR A 50 16.63 10.91 -20.12
CA THR A 50 15.57 11.67 -19.50
C THR A 50 14.30 10.84 -19.39
N ARG A 51 13.35 11.26 -18.57
CA ARG A 51 12.01 10.68 -18.51
C ARG A 51 11.43 10.55 -19.90
N GLU A 52 11.43 11.62 -20.70
CA GLU A 52 10.84 11.51 -22.07
C GLU A 52 11.56 10.45 -22.91
N GLU A 53 12.89 10.33 -22.82
CA GLU A 53 13.60 9.33 -23.61
C GLU A 53 13.34 7.93 -23.11
N GLN A 54 13.26 7.78 -21.78
CA GLN A 54 12.96 6.46 -21.26
C GLN A 54 11.56 6.02 -21.75
N ILE A 55 10.58 6.92 -21.74
CA ILE A 55 9.23 6.60 -22.23
C ILE A 55 9.27 6.24 -23.73
N ALA A 56 10.11 6.93 -24.49
CA ALA A 56 10.21 6.64 -25.91
C ALA A 56 10.66 5.19 -26.13
N VAL A 57 11.67 4.77 -25.39
CA VAL A 57 12.17 3.42 -25.52
C VAL A 57 11.15 2.45 -24.98
N ALA A 58 10.45 2.84 -23.91
CA ALA A 58 9.40 1.98 -23.36
C ALA A 58 8.25 1.78 -24.31
N GLU A 59 7.90 2.78 -25.13
CA GLU A 59 6.86 2.62 -26.14
C GLU A 59 7.27 1.60 -27.22
N VAL A 60 8.52 1.65 -27.65
CA VAL A 60 9.08 0.68 -28.61
C VAL A 60 9.05 -0.70 -27.98
N THR A 61 9.48 -0.81 -26.72
CA THR A 61 9.49 -2.11 -26.04
C THR A 61 8.10 -2.72 -25.91
N ARG A 62 7.16 -1.88 -25.48
CA ARG A 62 5.79 -2.35 -25.39
C ARG A 62 5.22 -2.85 -26.71
N LEU A 63 5.56 -2.16 -27.80
CA LEU A 63 5.03 -2.53 -29.11
C LEU A 63 5.67 -3.85 -29.54
N ARG A 64 6.98 -4.01 -29.30
CA ARG A 64 7.71 -5.23 -29.63
C ARG A 64 7.39 -6.41 -28.71
N GLN A 65 7.29 -6.15 -27.41
CA GLN A 65 7.34 -7.17 -26.34
C GLN A 65 6.01 -7.31 -25.59
N GLY A 66 5.15 -6.30 -25.64
CA GLY A 66 3.97 -6.25 -24.80
C GLY A 66 4.25 -5.67 -23.43
N TRP A 67 3.18 -5.60 -22.62
CA TRP A 67 3.27 -5.13 -21.22
C TRP A 67 3.93 -6.12 -20.30
N GLY A 68 3.90 -7.38 -20.69
CA GLY A 68 4.65 -8.42 -20.00
C GLY A 68 6.06 -7.99 -19.61
N ALA A 69 6.55 -6.88 -20.18
CA ALA A 69 7.86 -6.33 -19.78
C ALA A 69 7.89 -5.76 -18.34
N TRP A 70 6.72 -5.36 -17.85
CA TRP A 70 6.51 -4.88 -16.47
C TRP A 70 5.38 -5.68 -15.79
N PRO A 71 5.71 -6.86 -15.27
CA PRO A 71 4.72 -7.93 -14.90
C PRO A 71 3.61 -7.62 -13.88
N VAL A 72 3.87 -6.70 -12.97
CA VAL A 72 2.89 -6.27 -11.96
C VAL A 72 2.52 -4.78 -12.19
N CYS A 73 3.53 -3.97 -12.45
CA CYS A 73 3.35 -2.55 -12.51
C CYS A 73 2.48 -2.08 -13.70
N ALA A 74 2.51 -2.80 -14.82
CA ALA A 74 1.67 -2.41 -15.93
C ALA A 74 0.19 -2.56 -15.58
N ALA A 75 -0.14 -3.64 -14.87
CA ALA A 75 -1.50 -3.81 -14.33
C ALA A 75 -1.89 -2.73 -13.32
N ARG A 76 -0.97 -2.39 -12.41
CA ARG A 76 -1.22 -1.37 -11.39
C ARG A 76 -1.53 0.00 -12.09
N ALA A 77 -1.00 0.19 -13.31
CA ALA A 77 -1.21 1.45 -14.01
C ALA A 77 -2.48 1.46 -14.87
N GLY A 78 -3.15 0.31 -14.93
CA GLY A 78 -4.40 0.21 -15.67
C GLY A 78 -4.20 -0.42 -17.04
N ALA A 79 -2.97 -0.89 -17.28
CA ALA A 79 -2.50 -1.23 -18.61
C ALA A 79 -3.16 -2.42 -19.26
N ARG A 80 -3.21 -2.28 -20.59
CA ARG A 80 -3.78 -3.20 -21.53
C ARG A 80 -3.37 -4.67 -21.29
N SER B 1 27.35 -6.26 7.92
CA SER B 1 25.86 -6.02 7.74
C SER B 1 25.40 -6.18 6.28
N ILE B 2 25.42 -7.42 5.78
CA ILE B 2 25.09 -7.69 4.41
C ILE B 2 23.71 -7.22 4.04
N TRP B 3 22.82 -7.20 5.03
CA TRP B 3 21.48 -6.75 4.78
C TRP B 3 21.33 -5.26 4.42
N ASP B 4 22.26 -4.44 4.92
CA ASP B 4 22.26 -3.06 4.49
C ASP B 4 22.65 -2.90 3.01
N ALA B 5 23.60 -3.72 2.55
CA ALA B 5 24.01 -3.72 1.13
C ALA B 5 22.83 -4.22 0.29
N ILE B 6 22.18 -5.27 0.77
CA ILE B 6 21.01 -5.78 0.06
C ILE B 6 19.89 -4.75 0.00
N ALA B 7 19.64 -4.04 1.09
CA ALA B 7 18.61 -2.99 1.08
C ALA B 7 18.97 -1.76 0.22
N GLY B 8 20.26 -1.51 0.08
CA GLY B 8 20.67 -0.49 -0.87
C GLY B 8 20.26 -0.87 -2.28
N CYS B 9 20.41 -2.16 -2.58
CA CYS B 9 20.19 -2.70 -3.91
C CYS B 9 18.70 -2.96 -4.19
N GLU B 10 17.96 -3.42 -3.19
CA GLU B 10 16.56 -3.73 -3.45
C GLU B 10 15.69 -2.48 -3.33
N ALA B 11 16.08 -1.50 -2.48
CA ALA B 11 15.16 -0.42 -2.08
C ALA B 11 15.84 0.93 -1.99
N GLY B 12 17.08 1.06 -2.45
CA GLY B 12 17.73 2.36 -2.30
C GLY B 12 17.96 2.70 -0.85
N GLY B 13 17.99 1.70 0.03
CA GLY B 13 18.16 2.00 1.44
C GLY B 13 16.92 2.48 2.23
N ASN B 14 15.77 2.52 1.57
CA ASN B 14 14.51 2.92 2.17
C ASN B 14 13.76 1.71 2.74
N TRP B 15 13.91 1.52 4.06
CA TRP B 15 13.35 0.38 4.73
C TRP B 15 11.81 0.39 4.75
N ALA B 16 11.22 1.55 4.48
CA ALA B 16 9.79 1.74 4.52
C ALA B 16 9.18 1.79 3.09
N ILE B 17 9.92 1.40 2.05
CA ILE B 17 9.40 1.57 0.71
C ILE B 17 8.17 0.66 0.44
N ASN B 18 7.22 1.19 -0.29
CA ASN B 18 6.00 0.45 -0.61
C ASN B 18 5.40 1.12 -1.84
N THR B 19 5.81 0.64 -2.99
CA THR B 19 5.50 1.32 -4.24
C THR B 19 4.35 0.67 -5.00
N GLY B 20 3.90 -0.49 -4.51
CA GLY B 20 2.82 -1.22 -5.13
C GLY B 20 3.24 -2.23 -6.17
N ASN B 21 4.53 -2.61 -6.16
CA ASN B 21 5.07 -3.51 -7.16
C ASN B 21 5.00 -4.98 -6.74
N GLY B 22 4.27 -5.28 -5.65
CA GLY B 22 4.21 -6.65 -5.16
C GLY B 22 5.16 -6.96 -4.00
N TYR B 23 6.03 -6.01 -3.67
CA TYR B 23 7.07 -6.22 -2.69
C TYR B 23 7.12 -5.08 -1.71
N TYR B 24 7.63 -5.34 -0.50
CA TYR B 24 7.56 -4.36 0.61
C TYR B 24 8.87 -4.22 1.37
N GLY B 25 9.16 -2.97 1.74
CA GLY B 25 10.27 -2.57 2.63
C GLY B 25 11.66 -2.80 2.04
N GLY B 26 12.65 -2.76 2.90
CA GLY B 26 14.03 -2.58 2.50
C GLY B 26 14.62 -3.67 1.69
N VAL B 27 14.18 -4.88 1.98
CA VAL B 27 14.67 -6.01 1.18
C VAL B 27 13.60 -6.61 0.24
N GLN B 28 12.52 -5.85 0.06
CA GLN B 28 11.54 -6.16 -0.97
C GLN B 28 10.98 -7.61 -0.82
N PHE B 29 10.51 -7.91 0.43
CA PHE B 29 9.76 -9.18 0.63
C PHE B 29 8.45 -9.19 -0.13
N ASP B 30 8.04 -10.29 -0.77
CA ASP B 30 6.62 -10.38 -1.06
C ASP B 30 5.89 -10.70 0.26
N GLN B 31 4.56 -10.54 0.25
CA GLN B 31 3.81 -10.73 1.48
C GLN B 31 3.88 -12.16 1.98
N GLY B 32 3.83 -13.10 1.04
CA GLY B 32 3.91 -14.52 1.38
C GLY B 32 5.17 -14.91 2.15
N THR B 33 6.31 -14.41 1.69
CA THR B 33 7.58 -14.64 2.39
C THR B 33 7.66 -13.95 3.75
N TRP B 34 7.15 -12.73 3.83
CA TRP B 34 7.06 -12.03 5.12
C TRP B 34 6.28 -12.85 6.11
N GLU B 35 5.12 -13.32 5.69
CA GLU B 35 4.30 -14.15 6.58
C GLU B 35 4.88 -15.53 6.90
N ALA B 36 5.47 -16.21 5.94
CA ALA B 36 5.97 -17.54 6.20
C ALA B 36 7.13 -17.52 7.20
N ASN B 37 7.81 -16.37 7.33
CA ASN B 37 9.04 -16.37 8.10
C ASN B 37 8.93 -15.52 9.35
N GLY B 38 7.68 -15.38 9.81
CA GLY B 38 7.41 -14.81 11.12
C GLY B 38 7.14 -13.31 11.17
N GLY B 39 7.10 -12.65 10.03
CA GLY B 39 6.97 -11.19 10.04
C GLY B 39 5.71 -10.60 10.67
N LEU B 40 4.61 -11.36 10.64
CA LEU B 40 3.38 -10.82 11.22
C LEU B 40 3.48 -10.70 12.75
N ARG B 41 4.49 -11.33 13.35
CA ARG B 41 4.71 -11.15 14.77
C ARG B 41 5.21 -9.73 15.00
N TYR B 42 5.79 -9.16 13.97
CA TYR B 42 6.32 -7.81 14.04
C TYR B 42 5.41 -6.66 13.51
N ALA B 43 4.84 -6.86 12.33
CA ALA B 43 4.06 -5.79 11.69
C ALA B 43 3.23 -6.39 10.57
N PRO B 44 2.21 -5.68 10.08
CA PRO B 44 1.34 -6.42 9.11
C PRO B 44 2.01 -6.63 7.75
N ARG B 45 3.04 -5.86 7.46
CA ARG B 45 3.82 -5.96 6.23
C ARG B 45 5.25 -5.57 6.56
N ALA B 46 6.17 -5.92 5.67
CA ALA B 46 7.54 -5.67 5.92
C ALA B 46 7.84 -4.16 6.03
N ASP B 47 7.18 -3.32 5.21
CA ASP B 47 7.51 -1.91 5.23
C ASP B 47 7.09 -1.22 6.53
N LEU B 48 6.25 -1.88 7.32
CA LEU B 48 5.77 -1.35 8.60
C LEU B 48 6.58 -1.79 9.78
N ALA B 49 7.60 -2.60 9.52
CA ALA B 49 8.46 -3.14 10.56
C ALA B 49 9.73 -2.30 10.59
N THR B 50 10.43 -2.32 11.73
CA THR B 50 11.66 -1.58 11.77
C THR B 50 12.74 -2.29 10.93
N ARG B 51 13.86 -1.61 10.70
CA ARG B 51 14.99 -2.25 9.97
C ARG B 51 15.41 -3.53 10.71
N GLU B 52 15.54 -3.48 12.04
CA GLU B 52 16.04 -4.66 12.75
C GLU B 52 15.05 -5.84 12.67
N GLU B 53 13.74 -5.55 12.68
CA GLU B 53 12.71 -6.57 12.53
C GLU B 53 12.77 -7.16 11.13
N GLN B 54 12.89 -6.32 10.12
CA GLN B 54 13.04 -6.81 8.75
C GLN B 54 14.29 -7.67 8.58
N ILE B 55 15.41 -7.32 9.22
CA ILE B 55 16.63 -8.13 9.11
C ILE B 55 16.45 -9.43 9.80
N ALA B 56 15.76 -9.47 10.96
CA ALA B 56 15.51 -10.80 11.60
C ALA B 56 14.68 -11.75 10.72
N VAL B 57 13.63 -11.26 10.08
CA VAL B 57 12.84 -12.04 9.17
C VAL B 57 13.70 -12.42 7.98
N ALA B 58 14.55 -11.53 7.47
CA ALA B 58 15.42 -11.87 6.37
C ALA B 58 16.41 -12.99 6.73
N GLU B 59 16.89 -12.95 7.97
CA GLU B 59 17.76 -13.99 8.49
C GLU B 59 17.02 -15.30 8.57
N VAL B 60 15.79 -15.31 9.08
CA VAL B 60 15.01 -16.55 9.14
C VAL B 60 14.88 -17.13 7.72
N THR B 61 14.59 -16.23 6.79
CA THR B 61 14.39 -16.60 5.42
C THR B 61 15.65 -17.20 4.84
N ARG B 62 16.78 -16.53 4.97
CA ARG B 62 18.04 -17.05 4.44
C ARG B 62 18.40 -18.37 5.09
N LEU B 63 18.23 -18.50 6.40
CA LEU B 63 18.62 -19.73 7.09
C LEU B 63 17.72 -20.89 6.66
N ARG B 64 16.44 -20.65 6.38
CA ARG B 64 15.53 -21.71 5.93
C ARG B 64 15.61 -22.04 4.45
N GLN B 65 15.81 -21.04 3.62
CA GLN B 65 15.54 -21.13 2.18
C GLN B 65 16.70 -20.66 1.31
N GLY B 66 17.73 -20.09 1.92
CA GLY B 66 18.78 -19.53 1.08
C GLY B 66 18.45 -18.10 0.63
N TRP B 67 19.15 -17.68 -0.43
CA TRP B 67 19.17 -16.31 -0.92
C TRP B 67 18.35 -16.03 -2.16
N GLY B 68 17.47 -16.93 -2.58
CA GLY B 68 16.80 -16.73 -3.86
C GLY B 68 15.71 -15.69 -3.96
N ALA B 69 15.33 -15.12 -2.82
CA ALA B 69 14.37 -14.03 -2.81
C ALA B 69 15.03 -12.72 -3.27
N TRP B 70 16.36 -12.75 -3.37
CA TRP B 70 17.19 -11.60 -3.74
C TRP B 70 18.20 -12.02 -4.82
N PRO B 71 17.70 -12.41 -6.01
CA PRO B 71 18.54 -13.12 -6.98
C PRO B 71 19.75 -12.31 -7.49
N VAL B 72 19.58 -11.02 -7.69
CA VAL B 72 20.70 -10.19 -8.11
C VAL B 72 21.37 -9.61 -6.87
N CYS B 73 20.54 -9.07 -5.99
CA CYS B 73 21.09 -8.27 -4.90
C CYS B 73 21.91 -9.05 -3.89
N ALA B 74 21.54 -10.30 -3.59
CA ALA B 74 22.31 -11.01 -2.62
C ALA B 74 23.58 -11.50 -3.30
N ALA B 75 23.49 -11.81 -4.60
CA ALA B 75 24.62 -12.36 -5.35
C ALA B 75 25.66 -11.26 -5.41
N ARG B 76 25.23 -10.02 -5.66
CA ARG B 76 26.15 -8.90 -5.72
C ARG B 76 26.69 -8.47 -4.36
N ALA B 77 25.85 -8.58 -3.33
CA ALA B 77 26.29 -8.29 -1.97
C ALA B 77 27.35 -9.31 -1.52
N GLY B 78 27.17 -10.56 -1.94
CA GLY B 78 28.04 -11.67 -1.51
C GLY B 78 27.33 -12.62 -0.54
N ALA B 79 26.51 -13.53 -1.07
CA ALA B 79 25.66 -14.43 -0.26
C ALA B 79 26.37 -15.19 0.88
N ARG B 80 26.16 -16.51 0.96
CA ARG B 80 26.89 -17.32 1.94
C ARG B 80 28.27 -17.69 1.40
N SER C 1 -20.18 4.46 2.19
CA SER C 1 -21.48 4.62 2.88
C SER C 1 -21.84 3.24 3.47
N ILE C 2 -22.55 2.38 2.71
CA ILE C 2 -22.79 0.99 3.12
C ILE C 2 -21.51 0.24 3.38
N TRP C 3 -20.47 0.55 2.63
CA TRP C 3 -19.23 -0.21 2.78
C TRP C 3 -18.49 0.02 4.08
N ASP C 4 -18.49 1.26 4.55
CA ASP C 4 -17.92 1.55 5.86
C ASP C 4 -18.73 0.92 6.98
N ALA C 5 -20.05 0.83 6.80
CA ALA C 5 -20.89 0.15 7.78
C ALA C 5 -20.52 -1.34 7.76
N ILE C 6 -20.48 -1.95 6.56
CA ILE C 6 -20.12 -3.38 6.47
C ILE C 6 -18.74 -3.64 7.09
N ALA C 7 -17.75 -2.78 6.79
CA ALA C 7 -16.41 -3.00 7.30
C ALA C 7 -16.36 -2.83 8.83
N GLY C 8 -17.23 -1.97 9.38
CA GLY C 8 -17.32 -1.90 10.83
C GLY C 8 -17.68 -3.22 11.46
N CYS C 9 -18.60 -3.91 10.78
CA CYS C 9 -19.14 -5.13 11.26
C CYS C 9 -18.22 -6.32 10.99
N GLU C 10 -17.61 -6.35 9.81
CA GLU C 10 -16.82 -7.49 9.39
C GLU C 10 -15.41 -7.53 9.97
N ALA C 11 -14.83 -6.36 10.15
CA ALA C 11 -13.38 -6.18 10.35
C ALA C 11 -13.10 -5.07 11.36
N GLY C 12 -14.08 -4.68 12.15
CA GLY C 12 -13.86 -3.57 13.10
C GLY C 12 -13.35 -2.27 12.48
N GLY C 13 -13.66 -2.08 11.19
CA GLY C 13 -13.23 -0.91 10.47
C GLY C 13 -11.80 -0.95 9.92
N ASN C 14 -11.07 -2.04 10.08
CA ASN C 14 -9.66 -2.07 9.69
C ASN C 14 -9.56 -2.63 8.28
N TRP C 15 -9.32 -1.75 7.30
CA TRP C 15 -9.28 -2.18 5.92
C TRP C 15 -8.06 -3.02 5.58
N ALA C 16 -7.06 -2.99 6.46
CA ALA C 16 -5.86 -3.81 6.28
C ALA C 16 -5.88 -5.10 7.13
N ILE C 17 -7.05 -5.49 7.68
CA ILE C 17 -7.10 -6.63 8.60
C ILE C 17 -6.65 -7.95 7.93
N ASN C 18 -5.91 -8.77 8.69
CA ASN C 18 -5.38 -10.02 8.20
C ASN C 18 -5.04 -10.86 9.42
N THR C 19 -6.05 -11.60 9.92
CA THR C 19 -5.90 -12.25 11.20
C THR C 19 -5.58 -13.72 11.02
N GLY C 20 -5.39 -14.15 9.78
CA GLY C 20 -5.01 -15.53 9.52
C GLY C 20 -6.23 -16.46 9.45
N ASN C 21 -7.41 -15.90 9.17
CA ASN C 21 -8.66 -16.64 9.21
C ASN C 21 -9.23 -17.12 7.90
N GLY C 22 -8.47 -16.93 6.82
CA GLY C 22 -8.90 -17.30 5.46
C GLY C 22 -9.53 -16.13 4.72
N TYR C 23 -9.56 -14.98 5.37
CA TYR C 23 -10.19 -13.74 4.82
C TYR C 23 -9.31 -12.53 5.01
N TYR C 24 -9.53 -11.56 4.12
CA TYR C 24 -8.61 -10.41 4.06
C TYR C 24 -9.32 -9.11 3.88
N GLY C 25 -8.86 -8.13 4.61
CA GLY C 25 -9.28 -6.74 4.47
C GLY C 25 -10.67 -6.38 5.00
N GLY C 26 -11.07 -5.14 4.75
CA GLY C 26 -12.21 -4.51 5.47
C GLY C 26 -13.53 -5.23 5.24
N VAL C 27 -13.68 -5.88 4.07
CA VAL C 27 -14.92 -6.62 3.79
C VAL C 27 -14.68 -8.13 3.73
N GLN C 28 -13.51 -8.54 4.24
CA GLN C 28 -13.25 -9.96 4.48
C GLN C 28 -13.40 -10.83 3.24
N PHE C 29 -12.80 -10.39 2.14
CA PHE C 29 -12.68 -11.25 0.96
C PHE C 29 -11.92 -12.53 1.23
N ASP C 30 -12.42 -13.64 0.68
CA ASP C 30 -11.52 -14.79 0.47
C ASP C 30 -10.65 -14.51 -0.76
N GLN C 31 -9.54 -15.21 -0.88
CA GLN C 31 -8.62 -14.89 -1.98
C GLN C 31 -9.23 -15.24 -3.37
N GLY C 32 -9.97 -16.34 -3.44
CA GLY C 32 -10.58 -16.78 -4.70
C GLY C 32 -11.50 -15.71 -5.27
N THR C 33 -12.31 -15.08 -4.41
CA THR C 33 -13.27 -14.04 -4.81
C THR C 33 -12.53 -12.80 -5.20
N TRP C 34 -11.47 -12.43 -4.45
CA TRP C 34 -10.66 -11.27 -4.81
C TRP C 34 -10.10 -11.44 -6.22
N GLU C 35 -9.58 -12.64 -6.52
CA GLU C 35 -8.96 -12.84 -7.82
C GLU C 35 -10.01 -12.88 -8.92
N ALA C 36 -11.13 -13.54 -8.66
CA ALA C 36 -12.14 -13.71 -9.70
C ALA C 36 -12.83 -12.42 -10.11
N ASN C 37 -12.84 -11.43 -9.24
CA ASN C 37 -13.62 -10.25 -9.51
C ASN C 37 -12.64 -9.10 -9.84
N GLY C 38 -11.39 -9.43 -10.19
CA GLY C 38 -10.42 -8.48 -10.74
C GLY C 38 -9.51 -7.74 -9.76
N GLY C 39 -9.45 -8.21 -8.52
CA GLY C 39 -8.62 -7.54 -7.51
C GLY C 39 -7.12 -7.58 -7.74
N LEU C 40 -6.61 -8.58 -8.47
CA LEU C 40 -5.13 -8.64 -8.63
C LEU C 40 -4.54 -7.44 -9.35
N ARG C 41 -5.36 -6.72 -10.13
CA ARG C 41 -4.87 -5.53 -10.79
C ARG C 41 -4.58 -4.43 -9.77
N TYR C 42 -5.23 -4.47 -8.59
CA TYR C 42 -5.03 -3.44 -7.54
C TYR C 42 -3.93 -3.87 -6.52
N ALA C 43 -4.00 -5.13 -6.08
CA ALA C 43 -3.05 -5.63 -5.05
C ALA C 43 -3.10 -7.16 -4.97
N PRO C 44 -2.05 -7.78 -4.36
CA PRO C 44 -2.01 -9.20 -4.39
C PRO C 44 -3.16 -9.84 -3.59
N ARG C 45 -3.68 -9.11 -2.60
CA ARG C 45 -4.74 -9.59 -1.72
C ARG C 45 -5.54 -8.37 -1.31
N ALA C 46 -6.79 -8.58 -0.88
CA ALA C 46 -7.65 -7.47 -0.53
C ALA C 46 -7.04 -6.59 0.55
N ASP C 47 -6.41 -7.20 1.58
CA ASP C 47 -5.89 -6.37 2.67
C ASP C 47 -4.70 -5.50 2.26
N LEU C 48 -4.12 -5.79 1.07
CA LEU C 48 -2.98 -5.00 0.59
C LEU C 48 -3.44 -3.88 -0.35
N ALA C 49 -4.74 -3.82 -0.58
CA ALA C 49 -5.34 -2.83 -1.48
C ALA C 49 -5.88 -1.65 -0.64
N THR C 50 -6.15 -0.51 -1.25
CA THR C 50 -6.73 0.57 -0.44
C THR C 50 -8.21 0.31 -0.18
N ARG C 51 -8.78 1.05 0.75
CA ARG C 51 -10.23 1.01 0.97
C ARG C 51 -10.96 1.13 -0.35
N GLU C 52 -10.58 2.09 -1.19
CA GLU C 52 -11.38 2.36 -2.37
C GLU C 52 -11.21 1.23 -3.42
N GLU C 53 -10.03 0.66 -3.54
CA GLU C 53 -9.85 -0.52 -4.43
C GLU C 53 -10.67 -1.75 -3.95
N GLN C 54 -10.69 -1.96 -2.62
CA GLN C 54 -11.52 -3.00 -2.03
C GLN C 54 -12.97 -2.81 -2.36
N ILE C 55 -13.46 -1.58 -2.14
CA ILE C 55 -14.87 -1.29 -2.45
C ILE C 55 -15.15 -1.47 -3.94
N ALA C 56 -14.23 -1.09 -4.83
CA ALA C 56 -14.45 -1.32 -6.27
C ALA C 56 -14.68 -2.80 -6.59
N VAL C 57 -13.88 -3.70 -6.00
CA VAL C 57 -14.02 -5.13 -6.23
C VAL C 57 -15.26 -5.62 -5.48
N ALA C 58 -15.60 -5.02 -4.32
CA ALA C 58 -16.78 -5.43 -3.57
C ALA C 58 -18.07 -5.07 -4.32
N GLU C 59 -18.05 -3.97 -5.08
CA GLU C 59 -19.20 -3.61 -5.88
C GLU C 59 -19.44 -4.62 -6.97
N VAL C 60 -18.39 -4.95 -7.72
CA VAL C 60 -18.48 -6.00 -8.76
C VAL C 60 -18.96 -7.30 -8.12
N THR C 61 -18.46 -7.62 -6.93
CA THR C 61 -18.83 -8.87 -6.25
C THR C 61 -20.30 -8.88 -5.92
N ARG C 62 -20.78 -7.76 -5.34
CA ARG C 62 -22.17 -7.70 -4.98
C ARG C 62 -23.12 -7.66 -6.17
N LEU C 63 -22.68 -7.11 -7.29
CA LEU C 63 -23.50 -7.17 -8.52
C LEU C 63 -23.59 -8.60 -9.03
N ARG C 64 -22.53 -9.36 -8.88
CA ARG C 64 -22.49 -10.72 -9.41
C ARG C 64 -23.20 -11.70 -8.54
N GLN C 65 -22.98 -11.61 -7.24
CA GLN C 65 -23.43 -12.66 -6.35
C GLN C 65 -24.36 -12.19 -5.27
N GLY C 66 -24.67 -10.89 -5.26
CA GLY C 66 -25.59 -10.32 -4.31
C GLY C 66 -24.88 -10.05 -3.00
N TRP C 67 -25.68 -9.67 -2.03
CA TRP C 67 -25.17 -9.26 -0.72
C TRP C 67 -24.76 -10.40 0.21
N GLY C 68 -24.88 -11.62 -0.30
CA GLY C 68 -24.70 -12.81 0.50
C GLY C 68 -23.27 -13.16 0.85
N ALA C 69 -22.27 -12.46 0.27
CA ALA C 69 -20.88 -12.62 0.74
C ALA C 69 -20.71 -11.97 2.12
N TRP C 70 -21.71 -11.19 2.52
CA TRP C 70 -21.72 -10.55 3.84
C TRP C 70 -23.07 -10.84 4.49
N PRO C 71 -23.33 -12.12 4.82
CA PRO C 71 -24.72 -12.53 5.08
C PRO C 71 -25.29 -11.98 6.36
N VAL C 72 -24.43 -11.54 7.27
CA VAL C 72 -24.93 -10.90 8.45
C VAL C 72 -24.75 -9.40 8.29
N CYS C 73 -23.53 -8.96 7.97
CA CYS C 73 -23.20 -7.56 8.00
C CYS C 73 -23.94 -6.70 7.00
N ALA C 74 -24.12 -7.17 5.76
CA ALA C 74 -24.82 -6.39 4.76
C ALA C 74 -26.27 -6.21 5.16
N ALA C 75 -26.95 -7.30 5.55
CA ALA C 75 -28.36 -7.13 5.96
C ALA C 75 -28.55 -6.24 7.16
N ARG C 76 -27.61 -6.33 8.10
CA ARG C 76 -27.76 -5.62 9.33
C ARG C 76 -27.52 -4.15 9.04
N ALA C 77 -26.75 -3.85 7.96
CA ALA C 77 -26.58 -2.44 7.48
C ALA C 77 -27.71 -1.98 6.54
N GLY C 78 -28.66 -2.87 6.27
CA GLY C 78 -29.84 -2.61 5.43
C GLY C 78 -29.49 -2.68 3.94
N ALA C 79 -28.52 -3.54 3.61
CA ALA C 79 -27.70 -3.42 2.40
C ALA C 79 -28.37 -2.79 1.19
N ARG C 80 -27.88 -1.59 0.83
CA ARG C 80 -28.36 -0.86 -0.34
C ARG C 80 -28.40 -1.73 -1.61
N SER D 1 -14.54 25.95 14.30
CA SER D 1 -15.67 25.24 13.67
C SER D 1 -16.37 24.36 14.68
N ILE D 2 -17.25 23.54 14.18
CA ILE D 2 -17.77 22.42 14.94
C ILE D 2 -16.57 21.57 15.40
N TRP D 3 -15.51 21.59 14.60
CA TRP D 3 -14.39 20.66 14.83
C TRP D 3 -13.61 21.02 16.07
N ASP D 4 -13.47 22.30 16.37
CA ASP D 4 -12.81 22.67 17.61
C ASP D 4 -13.66 22.31 18.83
N ALA D 5 -15.00 22.42 18.72
CA ALA D 5 -15.86 21.88 19.77
C ALA D 5 -15.71 20.36 19.96
N ILE D 6 -15.67 19.59 18.87
CA ILE D 6 -15.45 18.17 18.98
C ILE D 6 -14.05 17.88 19.62
N ALA D 7 -13.02 18.60 19.18
CA ALA D 7 -11.65 18.43 19.68
C ALA D 7 -11.59 18.75 21.18
N GLY D 8 -12.37 19.76 21.57
CA GLY D 8 -12.47 20.21 22.98
C GLY D 8 -12.93 19.03 23.84
N CYS D 9 -13.87 18.25 23.29
CA CYS D 9 -14.48 17.13 23.96
C CYS D 9 -13.59 15.87 23.90
N GLU D 10 -13.02 15.61 22.72
CA GLU D 10 -12.22 14.39 22.51
C GLU D 10 -10.81 14.44 23.09
N ALA D 11 -10.22 15.65 23.11
CA ALA D 11 -8.75 15.76 23.19
C ALA D 11 -8.38 16.97 24.01
N GLY D 12 -9.32 17.50 24.76
CA GLY D 12 -9.01 18.69 25.54
C GLY D 12 -8.58 19.85 24.65
N GLY D 13 -8.95 19.82 23.35
CA GLY D 13 -8.60 20.90 22.43
C GLY D 13 -7.20 20.83 21.87
N ASN D 14 -6.50 19.72 22.14
CA ASN D 14 -5.12 19.60 21.78
C ASN D 14 -5.01 18.78 20.50
N TRP D 15 -4.76 19.49 19.40
CA TRP D 15 -4.67 18.82 18.11
C TRP D 15 -3.42 18.00 17.91
N ALA D 16 -2.42 18.11 18.79
CA ALA D 16 -1.23 17.25 18.69
C ALA D 16 -1.23 16.13 19.74
N ILE D 17 -2.39 15.84 20.32
CA ILE D 17 -2.41 14.88 21.43
C ILE D 17 -1.98 13.46 21.00
N ASN D 18 -1.23 12.78 21.88
CA ASN D 18 -0.87 11.42 21.65
C ASN D 18 -0.54 10.80 22.99
N THR D 19 -1.57 10.20 23.61
CA THR D 19 -1.43 9.71 24.98
C THR D 19 -1.13 8.23 25.10
N GLY D 20 -0.96 7.56 23.98
CA GLY D 20 -0.59 6.15 24.00
C GLY D 20 -1.80 5.26 24.08
N ASN D 21 -2.97 5.82 23.74
CA ASN D 21 -4.26 5.11 23.89
C ASN D 21 -4.85 4.46 22.62
N GLY D 22 -4.07 4.47 21.54
CA GLY D 22 -4.53 3.89 20.26
C GLY D 22 -5.21 4.94 19.37
N TYR D 23 -5.30 6.19 19.81
CA TYR D 23 -5.97 7.28 19.07
C TYR D 23 -5.05 8.49 19.04
N TYR D 24 -5.19 9.27 17.97
CA TYR D 24 -4.24 10.36 17.75
C TYR D 24 -4.87 11.68 17.32
N GLY D 25 -4.39 12.80 17.86
CA GLY D 25 -4.80 14.09 17.33
C GLY D 25 -6.13 14.58 17.85
N GLY D 26 -6.54 15.77 17.40
CA GLY D 26 -7.64 16.47 18.02
C GLY D 26 -8.98 15.74 18.00
N VAL D 27 -9.21 14.94 16.96
CA VAL D 27 -10.48 14.18 16.88
C VAL D 27 -10.27 12.69 17.08
N GLN D 28 -9.12 12.35 17.67
CA GLN D 28 -8.86 10.96 18.10
C GLN D 28 -9.06 9.87 17.03
N PHE D 29 -8.46 10.09 15.86
CA PHE D 29 -8.38 9.05 14.87
C PHE D 29 -7.58 7.87 15.39
N ASP D 30 -8.12 6.65 15.22
CA ASP D 30 -7.23 5.49 15.24
C ASP D 30 -6.45 5.40 13.93
N GLN D 31 -5.37 4.65 13.91
CA GLN D 31 -4.54 4.62 12.72
C GLN D 31 -5.27 4.07 11.48
N GLY D 32 -6.12 3.06 11.69
CA GLY D 32 -6.93 2.50 10.61
C GLY D 32 -7.76 3.57 9.93
N THR D 33 -8.47 4.37 10.73
CA THR D 33 -9.38 5.35 10.19
C THR D 33 -8.58 6.48 9.49
N TRP D 34 -7.45 6.85 10.06
CA TRP D 34 -6.62 7.90 9.45
C TRP D 34 -6.18 7.47 8.07
N GLU D 35 -5.67 6.24 7.97
CA GLU D 35 -5.18 5.74 6.68
C GLU D 35 -6.31 5.55 5.66
N ALA D 36 -7.41 4.96 6.10
CA ALA D 36 -8.52 4.64 5.15
C ALA D 36 -9.19 5.86 4.55
N ASN D 37 -9.12 6.98 5.27
CA ASN D 37 -9.71 8.21 4.83
C ASN D 37 -8.72 9.24 4.29
N GLY D 38 -7.52 8.78 3.90
CA GLY D 38 -6.66 9.62 3.12
C GLY D 38 -5.59 10.34 3.88
N GLY D 39 -5.51 10.10 5.20
CA GLY D 39 -4.59 10.86 6.02
C GLY D 39 -3.10 10.69 5.72
N LEU D 40 -2.71 9.51 5.21
CA LEU D 40 -1.26 9.29 4.92
C LEU D 40 -0.72 10.29 3.91
N ARG D 41 -1.60 10.95 3.14
CA ARG D 41 -1.16 11.99 2.20
C ARG D 41 -0.61 13.21 2.89
N TYR D 42 -1.00 13.40 4.15
CA TYR D 42 -0.61 14.57 4.96
C TYR D 42 0.47 14.26 5.99
N ALA D 43 0.34 13.14 6.68
CA ALA D 43 1.28 12.80 7.73
C ALA D 43 1.12 11.35 8.09
N PRO D 44 2.10 10.78 8.79
CA PRO D 44 2.08 9.32 9.01
C PRO D 44 1.00 8.92 10.04
N ARG D 45 0.58 9.90 10.87
CA ARG D 45 -0.44 9.70 11.92
C ARG D 45 -1.22 10.99 12.03
N ALA D 46 -2.42 10.94 12.61
CA ALA D 46 -3.25 12.14 12.69
C ALA D 46 -2.61 13.25 13.49
N ASP D 47 -1.96 12.89 14.60
CA ASP D 47 -1.39 13.91 15.48
C ASP D 47 -0.23 14.72 14.85
N LEU D 48 0.31 14.19 13.76
CA LEU D 48 1.49 14.78 13.08
C LEU D 48 1.05 15.67 11.94
N ALA D 49 -0.24 15.62 11.63
CA ALA D 49 -0.83 16.50 10.63
C ALA D 49 -1.26 17.82 11.27
N THR D 50 -1.35 18.88 10.48
CA THR D 50 -1.90 20.08 11.06
C THR D 50 -3.40 19.94 11.42
N ARG D 51 -3.93 20.86 12.23
CA ARG D 51 -5.33 20.88 12.55
C ARG D 51 -6.14 20.84 11.23
N GLU D 52 -5.74 21.66 10.26
CA GLU D 52 -6.51 21.79 9.01
C GLU D 52 -6.51 20.50 8.19
N GLU D 53 -5.38 19.80 8.14
CA GLU D 53 -5.29 18.47 7.51
C GLU D 53 -6.12 17.43 8.26
N GLN D 54 -6.07 17.41 9.61
CA GLN D 54 -6.96 16.52 10.38
C GLN D 54 -8.41 16.73 10.08
N ILE D 55 -8.81 18.00 10.00
CA ILE D 55 -10.18 18.32 9.71
C ILE D 55 -10.58 17.87 8.31
N ALA D 56 -9.70 18.02 7.32
CA ALA D 56 -9.99 17.53 5.95
C ALA D 56 -10.25 16.03 5.97
N VAL D 57 -9.40 15.30 6.68
CA VAL D 57 -9.64 13.83 6.75
C VAL D 57 -10.91 13.52 7.58
N ALA D 58 -11.18 14.34 8.61
CA ALA D 58 -12.38 14.18 9.41
C ALA D 58 -13.65 14.41 8.58
N GLU D 59 -13.59 15.41 7.68
CA GLU D 59 -14.77 15.67 6.83
C GLU D 59 -15.04 14.52 5.84
N VAL D 60 -14.02 13.89 5.26
CA VAL D 60 -14.19 12.70 4.41
C VAL D 60 -14.78 11.56 5.23
N THR D 61 -14.22 11.36 6.42
CA THR D 61 -14.68 10.34 7.34
C THR D 61 -16.14 10.55 7.71
N ARG D 62 -16.52 11.78 8.08
CA ARG D 62 -17.90 12.10 8.44
C ARG D 62 -18.82 11.83 7.21
N LEU D 63 -18.40 12.17 5.99
CA LEU D 63 -19.26 11.94 4.81
C LEU D 63 -19.51 10.43 4.66
N ARG D 64 -18.49 9.62 4.94
CA ARG D 64 -18.57 8.16 4.76
C ARG D 64 -19.24 7.44 5.92
N GLN D 65 -19.13 7.97 7.14
CA GLN D 65 -19.56 7.24 8.34
C GLN D 65 -20.59 7.97 9.20
N GLY D 66 -20.85 9.23 8.90
CA GLY D 66 -21.74 10.07 9.74
C GLY D 66 -21.05 10.60 10.96
N TRP D 67 -21.72 11.55 11.58
CA TRP D 67 -21.23 12.20 12.82
C TRP D 67 -21.09 11.20 13.96
N GLY D 68 -21.84 10.09 13.89
CA GLY D 68 -21.75 9.09 14.97
C GLY D 68 -20.38 8.43 15.08
N ALA D 69 -19.47 8.66 14.13
CA ALA D 69 -18.11 8.17 14.31
C ALA D 69 -17.48 8.75 15.58
N TRP D 70 -17.95 9.92 16.02
CA TRP D 70 -17.60 10.53 17.32
C TRP D 70 -18.91 10.42 18.13
N PRO D 71 -19.14 9.24 18.75
CA PRO D 71 -20.48 8.83 19.21
C PRO D 71 -20.96 9.66 20.40
N VAL D 72 -20.07 10.40 21.08
CA VAL D 72 -20.48 11.30 22.15
C VAL D 72 -20.22 12.74 21.79
N CYS D 73 -19.02 13.02 21.26
CA CYS D 73 -18.56 14.37 21.13
C CYS D 73 -19.19 15.17 19.99
N ALA D 74 -19.57 14.51 18.89
CA ALA D 74 -20.23 15.24 17.79
C ALA D 74 -21.60 15.76 18.17
N ALA D 75 -22.39 14.90 18.81
CA ALA D 75 -23.74 15.30 19.24
C ALA D 75 -23.67 16.45 20.24
N ARG D 76 -22.71 16.35 21.16
CA ARG D 76 -22.50 17.29 22.24
C ARG D 76 -22.04 18.65 21.69
N ALA D 77 -21.36 18.60 20.53
CA ALA D 77 -20.87 19.81 19.89
C ALA D 77 -21.95 20.50 19.05
N GLY D 78 -23.04 19.78 18.76
CA GLY D 78 -24.14 20.33 17.98
C GLY D 78 -24.09 19.90 16.53
N ALA D 79 -23.55 18.70 16.32
CA ALA D 79 -23.56 18.01 15.02
C ALA D 79 -24.68 16.95 14.97
N ARG D 80 -25.06 16.57 13.76
CA ARG D 80 -26.15 15.59 13.55
C ARG D 80 -25.67 14.12 13.38
C1 NAG E . 10.10 -7.52 -12.66
C2 NAG E . 10.80 -8.81 -13.10
C3 NAG E . 11.56 -8.70 -14.43
C4 NAG E . 11.14 -7.52 -15.32
C5 NAG E . 10.67 -6.27 -14.54
C6 NAG E . 11.22 -4.95 -15.12
C7 NAG E . 11.25 -10.00 -10.96
C8 NAG E . 10.47 -9.33 -9.86
N2 NAG E . 11.67 -9.24 -12.00
O3 NAG E . 11.33 -9.88 -15.18
O4 NAG E . 12.15 -7.17 -16.27
O5 NAG E . 10.85 -6.43 -13.16
O6 NAG E . 11.37 -3.92 -14.17
O7 NAG E . 11.50 -11.21 -10.88
C1 NAG E . 11.86 -7.82 -17.51
C2 NAG E . 12.31 -6.92 -18.65
C3 NAG E . 11.92 -7.61 -19.95
C4 NAG E . 12.48 -9.01 -20.05
C5 NAG E . 12.21 -9.82 -18.76
C6 NAG E . 13.00 -11.12 -18.76
C7 NAG E . 12.33 -4.48 -18.68
C8 NAG E . 11.50 -3.26 -18.46
N2 NAG E . 11.66 -5.63 -18.57
O3 NAG E . 12.39 -6.92 -21.10
O4 NAG E . 11.80 -9.56 -21.15
O5 NAG E . 12.57 -9.03 -17.62
O6 NAG E . 14.41 -10.90 -18.62
O7 NAG E . 13.55 -4.37 -18.92
C1 NAG E . 12.73 -10.03 -22.12
C2 NAG E . 11.91 -10.88 -23.08
C3 NAG E . 12.79 -11.39 -24.23
C4 NAG E . 13.63 -10.24 -24.82
C5 NAG E . 14.33 -9.43 -23.72
C6 NAG E . 15.29 -8.33 -24.19
C7 NAG E . 9.87 -12.08 -22.35
C8 NAG E . 9.30 -12.86 -21.21
N2 NAG E . 11.22 -11.96 -22.39
O3 NAG E . 11.89 -11.88 -25.19
O4 NAG E . 14.60 -10.78 -25.70
O5 NAG E . 13.33 -8.95 -22.83
O6 NAG E . 14.65 -7.30 -24.91
O7 NAG E . 9.08 -11.60 -23.19
S SO4 F . 11.95 -7.36 -34.25
O1 SO4 F . 11.73 -5.96 -33.81
O2 SO4 F . 10.71 -8.08 -34.46
O3 SO4 F . 12.72 -7.25 -35.50
O4 SO4 F . 12.70 -8.06 -33.21
C1 BEN G . 12.79 -0.41 -6.37
C2 BEN G . 14.01 0.00 -5.86
C3 BEN G . 14.14 1.25 -5.25
C4 BEN G . 13.04 2.10 -5.19
C5 BEN G . 11.80 1.71 -5.71
C6 BEN G . 11.69 0.45 -6.30
C BEN G . 12.67 -1.68 -6.95
N1 BEN G . 13.30 -2.76 -6.54
N2 BEN G . 11.87 -1.87 -7.97
S SO4 H . -21.70 -14.84 -11.79
O1 SO4 H . -21.06 -13.81 -12.56
O2 SO4 H . -21.42 -14.64 -10.35
O3 SO4 H . -23.15 -14.69 -11.91
O4 SO4 H . -21.16 -16.19 -12.07
#